data_6LCG
#
_entry.id   6LCG
#
_cell.length_a   95.650
_cell.length_b   95.650
_cell.length_c   261.621
_cell.angle_alpha   90.000
_cell.angle_beta   90.000
_cell.angle_gamma   120.000
#
_symmetry.space_group_name_H-M   'P 61 2 2'
#
loop_
_entity.id
_entity.type
_entity.pdbx_description
1 polymer 'N-carbamoyl-D-amino-acid hydrolase'
2 non-polymer DI(HYDROXYETHYL)ETHER
3 water water
#
_entity_poly.entity_id   1
_entity_poly.type   'polypeptide(L)'
_entity_poly.pdbx_seq_one_letter_code
;MTRRIRIGGAQMGAISRSDSKKEIVDRLIALLRQASEKGCELVVFPELALSTFFPRWYAERDGMDGYFEDGMPNAATLPL
FEEARRLGIGFSLGYAELVQEDGRVRRFNTTVLVERNGEIVGKYRKIHLPGHAEYEPERSHQHLEKRYFEVGNTGFQVWD
AFGGRVGMAICNDRRWVETYRVMGLQNVELILIGYNTPVNDSLSGESETLGMFHNHLTMQAGAYQNSTWVVGVAKAGVED
GHRLMGGSVIVAPTGEIVAQAMTEGDELIVADCDLDRCRYYKSHIFNFAAHRRPEFYQRITSQTGVE
;
_entity_poly.pdbx_strand_id   A,B
#
loop_
_chem_comp.id
_chem_comp.type
_chem_comp.name
_chem_comp.formula
PEG non-polymer DI(HYDROXYETHYL)ETHER 'C4 H10 O3'
#
# COMPACT_ATOMS: atom_id res chain seq x y z
N MET A 1 -23.00 7.45 18.30
CA MET A 1 -22.56 6.22 18.94
C MET A 1 -23.27 5.00 18.34
N THR A 2 -24.10 5.26 17.31
CA THR A 2 -24.83 4.18 16.67
C THR A 2 -23.88 3.19 15.99
N ARG A 3 -23.08 3.67 15.05
CA ARG A 3 -22.09 2.82 14.38
C ARG A 3 -20.70 3.09 14.92
N ARG A 4 -20.55 3.04 16.24
CA ARG A 4 -19.27 3.19 16.92
C ARG A 4 -19.00 1.91 17.69
N ILE A 5 -17.98 1.17 17.28
CA ILE A 5 -17.63 -0.11 17.90
C ILE A 5 -16.38 0.10 18.74
N ARG A 6 -16.34 -0.52 19.92
CA ARG A 6 -15.18 -0.50 20.79
C ARG A 6 -14.45 -1.83 20.64
N ILE A 7 -13.30 -1.80 19.98
CA ILE A 7 -12.55 -3.01 19.63
C ILE A 7 -11.42 -3.19 20.63
N GLY A 8 -11.16 -4.45 21.00
CA GLY A 8 -10.08 -4.75 21.91
C GLY A 8 -9.05 -5.70 21.32
N GLY A 9 -7.89 -5.17 20.94
CA GLY A 9 -6.82 -6.00 20.44
C GLY A 9 -6.16 -6.82 21.53
N ALA A 10 -6.44 -8.12 21.56
CA ALA A 10 -5.95 -9.00 22.62
C ALA A 10 -4.67 -9.68 22.16
N GLN A 11 -3.57 -8.94 22.26
CA GLN A 11 -2.26 -9.50 21.97
C GLN A 11 -1.90 -10.59 22.97
N MET A 12 -1.35 -11.69 22.47
CA MET A 12 -0.98 -12.81 23.33
C MET A 12 0.53 -12.87 23.51
N GLY A 13 0.94 -13.61 24.53
CA GLY A 13 2.34 -13.92 24.76
C GLY A 13 2.73 -15.24 24.14
N ALA A 14 3.94 -15.68 24.49
CA ALA A 14 4.45 -16.92 23.94
C ALA A 14 3.66 -18.12 24.46
N ILE A 15 3.54 -19.14 23.61
CA ILE A 15 2.89 -20.40 23.96
C ILE A 15 3.91 -21.49 23.68
N SER A 16 4.45 -22.11 24.72
CA SER A 16 5.42 -23.16 24.54
C SER A 16 4.74 -24.49 24.25
N ARG A 17 5.53 -25.45 23.78
CA ARG A 17 5.00 -26.79 23.52
C ARG A 17 4.56 -27.49 24.80
N SER A 18 5.12 -27.08 25.95
CA SER A 18 4.72 -27.67 27.22
C SER A 18 3.35 -27.18 27.69
N ASP A 19 2.94 -25.99 27.23
CA ASP A 19 1.67 -25.42 27.68
C ASP A 19 0.50 -26.29 27.23
N SER A 20 -0.38 -26.61 28.17
CA SER A 20 -1.59 -27.35 27.84
C SER A 20 -2.61 -26.42 27.20
N LYS A 21 -3.56 -27.03 26.49
CA LYS A 21 -4.58 -26.24 25.81
C LYS A 21 -5.49 -25.52 26.78
N LYS A 22 -5.71 -26.09 27.97
CA LYS A 22 -6.52 -25.40 28.97
C LYS A 22 -5.83 -24.14 29.46
N GLU A 23 -4.50 -24.19 29.64
CA GLU A 23 -3.76 -22.98 29.97
C GLU A 23 -3.85 -21.93 28.87
N ILE A 24 -3.96 -22.37 27.61
CA ILE A 24 -4.08 -21.44 26.50
C ILE A 24 -5.45 -20.77 26.52
N VAL A 25 -6.51 -21.56 26.70
CA VAL A 25 -7.86 -21.02 26.68
C VAL A 25 -8.08 -20.08 27.87
N ASP A 26 -7.56 -20.44 29.04
CA ASP A 26 -7.73 -19.58 30.21
C ASP A 26 -7.06 -18.22 30.02
N ARG A 27 -5.94 -18.18 29.30
CA ARG A 27 -5.32 -16.90 28.98
C ARG A 27 -6.19 -16.11 28.00
N LEU A 28 -6.88 -16.79 27.10
CA LEU A 28 -7.80 -16.11 26.19
C LEU A 28 -9.02 -15.58 26.93
N ILE A 29 -9.55 -16.37 27.87
CA ILE A 29 -10.70 -15.93 28.65
C ILE A 29 -10.31 -14.76 29.55
N ALA A 30 -9.09 -14.79 30.08
CA ALA A 30 -8.60 -13.67 30.89
C ALA A 30 -8.53 -12.39 30.06
N LEU A 31 -7.96 -12.48 28.85
CA LEU A 31 -7.96 -11.32 27.96
C LEU A 31 -9.37 -10.94 27.55
N LEU A 32 -10.25 -11.94 27.40
CA LEU A 32 -11.64 -11.65 27.06
C LEU A 32 -12.32 -10.86 28.17
N ARG A 33 -12.08 -11.23 29.42
CA ARG A 33 -12.71 -10.53 30.53
C ARG A 33 -12.15 -9.12 30.70
N GLN A 34 -10.86 -8.92 30.40
CA GLN A 34 -10.30 -7.57 30.45
C GLN A 34 -10.99 -6.65 29.44
N ALA A 35 -11.43 -7.21 28.31
CA ALA A 35 -12.12 -6.40 27.32
C ALA A 35 -13.52 -6.02 27.80
N SER A 36 -14.19 -6.91 28.52
CA SER A 36 -15.52 -6.60 29.04
C SER A 36 -15.45 -5.53 30.12
N GLU A 37 -14.41 -5.57 30.95
CA GLU A 37 -14.25 -4.56 32.00
C GLU A 37 -14.04 -3.16 31.41
N LYS A 38 -13.48 -3.09 30.20
CA LYS A 38 -13.25 -1.82 29.53
C LYS A 38 -14.34 -1.50 28.51
N GLY A 39 -15.39 -2.32 28.44
CA GLY A 39 -16.52 -2.01 27.58
C GLY A 39 -16.34 -2.41 26.13
N CYS A 40 -15.40 -3.28 25.82
CA CYS A 40 -15.17 -3.68 24.44
C CYS A 40 -16.27 -4.61 23.96
N GLU A 41 -16.77 -4.34 22.75
CA GLU A 41 -17.76 -5.20 22.12
C GLU A 41 -17.15 -6.22 21.17
N LEU A 42 -15.93 -6.00 20.71
CA LEU A 42 -15.23 -6.92 19.83
C LEU A 42 -13.79 -7.06 20.30
N VAL A 43 -13.30 -8.30 20.32
CA VAL A 43 -11.94 -8.59 20.74
C VAL A 43 -11.28 -9.46 19.68
N VAL A 44 -10.12 -9.03 19.20
CA VAL A 44 -9.42 -9.70 18.11
C VAL A 44 -8.27 -10.51 18.69
N PHE A 45 -8.24 -11.81 18.39
CA PHE A 45 -7.20 -12.73 18.83
C PHE A 45 -6.23 -13.02 17.69
N PRO A 46 -4.99 -13.42 18.01
CA PRO A 46 -3.98 -13.57 16.96
C PRO A 46 -4.20 -14.80 16.07
N GLU A 47 -3.23 -15.05 15.19
CA GLU A 47 -3.26 -16.21 14.31
C GLU A 47 -2.79 -17.44 15.06
N LEU A 48 -3.52 -18.54 14.91
CA LEU A 48 -3.20 -19.81 15.56
C LEU A 48 -3.05 -19.62 17.08
N ALA A 49 -4.04 -18.95 17.66
CA ALA A 49 -4.02 -18.57 19.07
C ALA A 49 -4.30 -19.74 20.01
N LEU A 50 -4.45 -20.96 19.50
CA LEU A 50 -4.79 -22.12 20.32
C LEU A 50 -3.66 -23.13 20.38
N SER A 51 -2.44 -22.75 20.00
CA SER A 51 -1.30 -23.66 20.00
C SER A 51 -0.03 -22.85 19.82
N THR A 52 1.10 -23.51 20.03
CA THR A 52 2.38 -22.92 19.68
C THR A 52 2.50 -22.78 18.17
N PHE A 53 3.33 -21.84 17.74
CA PHE A 53 3.59 -21.65 16.31
C PHE A 53 4.43 -22.83 15.82
N PHE A 54 3.75 -23.95 15.57
CA PHE A 54 4.38 -25.21 15.20
C PHE A 54 4.96 -25.28 13.80
N PRO A 55 4.62 -24.40 12.84
CA PRO A 55 5.33 -24.42 11.56
C PRO A 55 6.85 -24.25 11.66
N ARG A 56 7.38 -23.92 12.84
CA ARG A 56 8.82 -23.81 13.00
C ARG A 56 9.49 -25.15 13.27
N TRP A 57 8.72 -26.24 13.37
CA TRP A 57 9.28 -27.55 13.63
C TRP A 57 8.99 -28.48 12.45
N TYR A 58 9.82 -29.51 12.32
CA TYR A 58 9.72 -30.48 11.24
C TYR A 58 8.98 -31.72 11.71
N ALA A 59 8.12 -32.25 10.85
CA ALA A 59 7.37 -33.48 11.11
C ALA A 59 6.79 -33.94 9.79
N GLU A 60 6.03 -35.04 9.84
CA GLU A 60 5.34 -35.50 8.65
C GLU A 60 4.24 -34.52 8.27
N ARG A 61 3.79 -34.62 7.02
CA ARG A 61 2.71 -33.75 6.55
C ARG A 61 1.43 -33.97 7.35
N ASP A 62 1.25 -35.18 7.89
CA ASP A 62 0.13 -35.47 8.79
C ASP A 62 0.52 -35.39 10.26
N GLY A 63 1.82 -35.39 10.56
CA GLY A 63 2.29 -35.56 11.93
C GLY A 63 2.21 -34.34 12.82
N MET A 64 1.21 -33.49 12.61
CA MET A 64 0.99 -32.37 13.53
C MET A 64 -0.48 -32.02 13.66
N ASP A 65 -1.38 -32.98 13.43
CA ASP A 65 -2.80 -32.76 13.64
C ASP A 65 -3.15 -32.63 15.11
N GLY A 66 -2.23 -32.94 16.02
CA GLY A 66 -2.47 -32.78 17.44
C GLY A 66 -2.65 -31.33 17.87
N TYR A 67 -2.07 -30.39 17.11
CA TYR A 67 -2.28 -28.97 17.38
C TYR A 67 -3.54 -28.42 16.72
N PHE A 68 -4.11 -29.14 15.76
CA PHE A 68 -5.32 -28.69 15.10
C PHE A 68 -6.52 -28.83 16.04
N GLU A 69 -7.65 -28.28 15.60
CA GLU A 69 -8.87 -28.27 16.40
C GLU A 69 -9.83 -29.33 15.88
N ASP A 70 -10.40 -30.11 16.80
CA ASP A 70 -11.37 -31.14 16.43
C ASP A 70 -12.61 -30.50 15.82
N GLY A 71 -13.31 -29.68 16.59
CA GLY A 71 -14.42 -28.91 16.09
C GLY A 71 -14.29 -27.43 16.43
N MET A 72 -15.31 -26.64 16.11
CA MET A 72 -15.30 -25.22 16.42
C MET A 72 -16.72 -24.79 16.78
N PRO A 73 -17.05 -24.70 18.08
CA PRO A 73 -16.12 -25.00 19.16
C PRO A 73 -16.05 -26.49 19.52
N ASN A 74 -15.08 -26.86 20.34
CA ASN A 74 -14.95 -28.22 20.84
C ASN A 74 -15.00 -28.19 22.37
N ALA A 75 -14.59 -29.30 22.99
CA ALA A 75 -14.65 -29.39 24.44
C ALA A 75 -13.72 -28.41 25.13
N ALA A 76 -12.58 -28.09 24.51
CA ALA A 76 -11.63 -27.16 25.08
C ALA A 76 -11.96 -25.70 24.77
N THR A 77 -12.54 -25.44 23.61
CA THR A 77 -12.87 -24.08 23.20
C THR A 77 -14.27 -23.64 23.61
N LEU A 78 -15.10 -24.56 24.08
CA LEU A 78 -16.45 -24.19 24.49
C LEU A 78 -16.49 -23.18 25.64
N PRO A 79 -15.64 -23.26 26.67
CA PRO A 79 -15.66 -22.21 27.70
C PRO A 79 -15.43 -20.81 27.15
N LEU A 80 -14.61 -20.68 26.10
CA LEU A 80 -14.40 -19.36 25.52
C LEU A 80 -15.65 -18.84 24.84
N PHE A 81 -16.36 -19.72 24.12
CA PHE A 81 -17.59 -19.31 23.45
C PHE A 81 -18.69 -19.02 24.46
N GLU A 82 -18.80 -19.84 25.51
CA GLU A 82 -19.81 -19.58 26.53
C GLU A 82 -19.51 -18.31 27.31
N GLU A 83 -18.24 -17.99 27.51
CA GLU A 83 -17.88 -16.75 28.20
C GLU A 83 -18.20 -15.54 27.33
N ALA A 84 -17.83 -15.58 26.04
CA ALA A 84 -18.07 -14.45 25.16
C ALA A 84 -19.56 -14.18 24.99
N ARG A 85 -20.36 -15.24 24.82
CA ARG A 85 -21.80 -15.05 24.69
C ARG A 85 -22.42 -14.51 25.98
N ARG A 86 -21.84 -14.86 27.13
CA ARG A 86 -22.37 -14.39 28.40
C ARG A 86 -22.17 -12.88 28.55
N LEU A 87 -20.95 -12.41 28.29
CA LEU A 87 -20.67 -10.98 28.35
C LEU A 87 -21.11 -10.23 27.09
N GLY A 88 -21.72 -10.92 26.13
CA GLY A 88 -22.18 -10.25 24.93
C GLY A 88 -21.08 -9.64 24.09
N ILE A 89 -19.96 -10.35 23.96
CA ILE A 89 -18.80 -9.86 23.23
C ILE A 89 -18.54 -10.79 22.05
N GLY A 90 -18.38 -10.20 20.86
CA GLY A 90 -17.94 -10.95 19.70
C GLY A 90 -16.42 -10.99 19.61
N PHE A 91 -15.91 -11.97 18.87
CA PHE A 91 -14.47 -12.14 18.78
C PHE A 91 -14.11 -12.82 17.47
N SER A 92 -12.86 -12.62 17.06
CA SER A 92 -12.27 -13.32 15.92
C SER A 92 -11.11 -14.16 16.45
N LEU A 93 -11.18 -15.47 16.23
CA LEU A 93 -10.22 -16.41 16.76
C LEU A 93 -9.49 -17.13 15.63
N GLY A 94 -8.17 -17.12 15.67
CA GLY A 94 -7.36 -17.84 14.70
C GLY A 94 -6.94 -19.19 15.24
N TYR A 95 -7.00 -20.20 14.37
CA TYR A 95 -6.70 -21.57 14.78
C TYR A 95 -6.38 -22.40 13.54
N ALA A 96 -5.72 -23.52 13.78
CA ALA A 96 -5.46 -24.51 12.73
C ALA A 96 -6.68 -25.42 12.60
N GLU A 97 -7.26 -25.46 11.40
CA GLU A 97 -8.52 -26.14 11.17
C GLU A 97 -8.28 -27.51 10.55
N LEU A 98 -8.80 -28.55 11.20
CA LEU A 98 -8.77 -29.91 10.69
C LEU A 98 -10.21 -30.31 10.38
N VAL A 99 -10.52 -30.46 9.10
CA VAL A 99 -11.90 -30.69 8.66
C VAL A 99 -11.91 -31.76 7.58
N GLN A 100 -12.99 -32.54 7.56
CA GLN A 100 -13.21 -33.59 6.57
C GLN A 100 -14.08 -33.04 5.45
N GLU A 101 -13.51 -32.92 4.25
CA GLU A 101 -14.23 -32.45 3.08
C GLU A 101 -13.92 -33.38 1.92
N ASP A 102 -14.96 -33.79 1.19
CA ASP A 102 -14.90 -34.76 0.09
C ASP A 102 -13.91 -35.89 0.38
N GLY A 103 -14.10 -36.52 1.54
CA GLY A 103 -13.32 -37.68 1.92
C GLY A 103 -11.98 -37.35 2.53
N ARG A 104 -11.13 -36.64 1.79
CA ARG A 104 -9.80 -36.32 2.26
C ARG A 104 -9.85 -35.40 3.47
N VAL A 105 -8.79 -35.47 4.29
CA VAL A 105 -8.61 -34.57 5.42
C VAL A 105 -7.88 -33.32 4.95
N ARG A 106 -8.48 -32.16 5.18
CA ARG A 106 -7.91 -30.90 4.73
C ARG A 106 -7.51 -30.05 5.93
N ARG A 107 -6.45 -29.27 5.76
CA ARG A 107 -5.86 -28.47 6.82
C ARG A 107 -5.77 -27.02 6.38
N PHE A 108 -6.32 -26.11 7.18
CA PHE A 108 -6.34 -24.69 6.84
C PHE A 108 -5.88 -23.87 8.03
N ASN A 109 -5.23 -22.75 7.73
CA ASN A 109 -4.97 -21.70 8.71
C ASN A 109 -6.20 -20.79 8.71
N THR A 110 -6.99 -20.85 9.78
CA THR A 110 -8.35 -20.33 9.75
C THR A 110 -8.58 -19.34 10.88
N THR A 111 -9.29 -18.25 10.56
CA THR A 111 -9.85 -17.34 11.55
C THR A 111 -11.36 -17.38 11.45
N VAL A 112 -12.04 -17.41 12.59
CA VAL A 112 -13.49 -17.47 12.66
C VAL A 112 -14.00 -16.22 13.36
N LEU A 113 -15.04 -15.61 12.80
CA LEU A 113 -15.66 -14.42 13.36
C LEU A 113 -16.94 -14.81 14.08
N VAL A 114 -17.05 -14.41 15.34
CA VAL A 114 -18.20 -14.73 16.18
C VAL A 114 -18.88 -13.42 16.57
N GLU A 115 -20.21 -13.39 16.42
CA GLU A 115 -20.99 -12.22 16.78
C GLU A 115 -21.19 -12.16 18.30
N ARG A 116 -21.60 -10.97 18.77
CA ARG A 116 -21.85 -10.78 20.19
C ARG A 116 -22.90 -11.75 20.75
N ASN A 117 -23.75 -12.31 19.90
CA ASN A 117 -24.73 -13.29 20.32
C ASN A 117 -24.17 -14.70 20.41
N GLY A 118 -22.91 -14.90 20.02
CA GLY A 118 -22.29 -16.22 20.07
C GLY A 118 -22.46 -17.04 18.80
N GLU A 119 -22.91 -16.45 17.72
CA GLU A 119 -23.14 -17.16 16.46
C GLU A 119 -21.96 -16.93 15.52
N ILE A 120 -21.46 -18.01 14.93
CA ILE A 120 -20.38 -17.90 13.94
C ILE A 120 -20.96 -17.28 12.68
N VAL A 121 -20.42 -16.11 12.31
CA VAL A 121 -20.98 -15.36 11.19
C VAL A 121 -20.12 -15.53 9.94
N GLY A 122 -18.81 -15.67 10.14
CA GLY A 122 -17.89 -15.75 9.02
C GLY A 122 -16.68 -16.59 9.34
N LYS A 123 -16.06 -17.11 8.28
CA LYS A 123 -14.87 -17.94 8.38
C LYS A 123 -13.96 -17.66 7.20
N TYR A 124 -12.71 -17.31 7.49
CA TYR A 124 -11.70 -17.08 6.46
C TYR A 124 -10.57 -18.09 6.62
N ARG A 125 -10.08 -18.59 5.49
CA ARG A 125 -8.95 -19.51 5.46
C ARG A 125 -7.80 -18.86 4.73
N LYS A 126 -6.60 -19.00 5.28
CA LYS A 126 -5.44 -18.25 4.81
C LYS A 126 -5.14 -18.57 3.34
N ILE A 127 -4.80 -17.52 2.58
CA ILE A 127 -4.56 -17.65 1.15
C ILE A 127 -3.07 -17.67 0.87
N HIS A 128 -2.35 -16.64 1.31
CA HIS A 128 -0.92 -16.51 1.07
C HIS A 128 -0.17 -17.27 2.15
N LEU A 129 0.23 -18.51 1.85
CA LEU A 129 0.98 -19.31 2.80
C LEU A 129 2.46 -18.95 2.73
N PRO A 130 3.09 -18.56 3.84
CA PRO A 130 4.51 -18.15 3.79
C PRO A 130 5.46 -19.33 3.97
N GLY A 131 6.74 -19.02 4.12
CA GLY A 131 7.72 -20.06 4.41
C GLY A 131 7.98 -20.96 3.22
N HIS A 132 8.48 -22.15 3.53
CA HIS A 132 8.83 -23.15 2.53
C HIS A 132 8.11 -24.45 2.81
N ALA A 133 8.06 -25.32 1.80
CA ALA A 133 7.32 -26.56 1.91
C ALA A 133 8.12 -27.69 2.53
N GLU A 134 9.45 -27.64 2.45
CA GLU A 134 10.27 -28.72 2.97
C GLU A 134 11.45 -28.14 3.75
N TYR A 135 12.18 -29.04 4.41
CA TYR A 135 13.24 -28.64 5.32
C TYR A 135 14.42 -28.04 4.57
N GLU A 136 14.97 -26.96 5.10
CA GLU A 136 16.16 -26.32 4.55
C GLU A 136 17.20 -26.20 5.66
N PRO A 137 18.34 -26.90 5.55
CA PRO A 137 19.24 -26.98 6.71
C PRO A 137 20.12 -25.76 6.94
N GLU A 138 20.34 -24.93 5.92
CA GLU A 138 21.23 -23.78 6.09
C GLU A 138 20.61 -22.65 6.89
N ARG A 139 19.28 -22.59 6.97
CA ARG A 139 18.60 -21.52 7.68
C ARG A 139 18.62 -21.78 9.18
N SER A 140 18.79 -20.70 9.95
CA SER A 140 18.79 -20.82 11.41
C SER A 140 17.44 -21.26 11.94
N HIS A 141 16.36 -20.72 11.37
CA HIS A 141 15.00 -21.06 11.77
C HIS A 141 14.22 -21.56 10.56
N GLN A 142 13.33 -22.51 10.80
CA GLN A 142 12.49 -23.08 9.77
C GLN A 142 11.13 -22.37 9.74
N HIS A 143 10.40 -22.59 8.64
CA HIS A 143 9.07 -22.01 8.48
C HIS A 143 8.31 -22.90 7.51
N LEU A 144 7.63 -23.91 8.04
CA LEU A 144 6.99 -24.94 7.23
C LEU A 144 5.47 -24.78 7.21
N GLU A 145 4.98 -23.57 6.97
CA GLU A 145 3.53 -23.37 6.87
C GLU A 145 2.97 -24.08 5.65
N LYS A 146 3.64 -23.98 4.51
CA LYS A 146 3.16 -24.63 3.30
C LYS A 146 3.20 -26.16 3.40
N ARG A 147 3.86 -26.72 4.41
CA ARG A 147 3.93 -28.15 4.56
C ARG A 147 2.72 -28.70 5.31
N TYR A 148 2.18 -27.93 6.27
CA TYR A 148 1.09 -28.39 7.12
C TYR A 148 -0.26 -27.80 6.73
N PHE A 149 -0.29 -26.75 5.91
CA PHE A 149 -1.53 -26.13 5.48
C PHE A 149 -1.60 -26.08 3.96
N GLU A 150 -2.82 -26.12 3.44
CA GLU A 150 -3.09 -25.90 2.03
C GLU A 150 -3.82 -24.58 1.85
N VAL A 151 -3.81 -24.08 0.61
CA VAL A 151 -4.40 -22.78 0.32
C VAL A 151 -5.89 -22.82 0.62
N GLY A 152 -6.37 -21.80 1.33
CA GLY A 152 -7.77 -21.74 1.68
C GLY A 152 -8.68 -21.59 0.48
N ASN A 153 -9.92 -22.03 0.64
CA ASN A 153 -10.91 -22.03 -0.43
C ASN A 153 -12.08 -21.09 -0.13
N THR A 154 -11.86 -20.09 0.72
CA THR A 154 -12.91 -19.13 1.05
C THR A 154 -12.74 -17.79 0.32
N GLY A 155 -11.50 -17.36 0.09
CA GLY A 155 -11.26 -16.06 -0.51
C GLY A 155 -11.46 -14.94 0.49
N PHE A 156 -11.12 -13.70 0.10
CA PHE A 156 -11.28 -12.55 0.99
C PHE A 156 -12.74 -12.13 0.99
N GLN A 157 -13.47 -12.49 2.04
CA GLN A 157 -14.89 -12.21 2.16
C GLN A 157 -15.14 -11.10 3.17
N VAL A 158 -16.24 -10.38 2.98
CA VAL A 158 -16.68 -9.33 3.87
C VAL A 158 -18.11 -9.61 4.28
N TRP A 159 -18.37 -9.61 5.58
CA TRP A 159 -19.68 -9.96 6.13
C TRP A 159 -20.35 -8.74 6.74
N ASP A 160 -21.66 -8.86 6.92
CA ASP A 160 -22.45 -7.86 7.66
C ASP A 160 -22.44 -8.25 9.13
N ALA A 161 -21.64 -7.55 9.92
CA ALA A 161 -21.51 -7.88 11.34
C ALA A 161 -21.11 -6.64 12.11
N PHE A 162 -21.51 -6.59 13.39
CA PHE A 162 -21.18 -5.50 14.30
C PHE A 162 -21.60 -4.15 13.74
N GLY A 163 -22.73 -4.11 13.03
CA GLY A 163 -23.24 -2.86 12.51
C GLY A 163 -22.46 -2.31 11.32
N GLY A 164 -21.69 -3.13 10.65
CA GLY A 164 -20.90 -2.67 9.53
C GLY A 164 -20.40 -3.81 8.67
N ARG A 165 -19.38 -3.50 7.87
CA ARG A 165 -18.77 -4.45 6.95
C ARG A 165 -17.42 -4.87 7.51
N VAL A 166 -17.29 -6.16 7.86
CA VAL A 166 -16.11 -6.68 8.53
C VAL A 166 -15.48 -7.76 7.66
N GLY A 167 -14.17 -7.66 7.47
CA GLY A 167 -13.40 -8.67 6.78
C GLY A 167 -12.28 -9.20 7.65
N MET A 168 -11.64 -10.28 7.18
CA MET A 168 -10.59 -10.94 7.94
C MET A 168 -9.43 -11.29 7.03
N ALA A 169 -8.22 -11.20 7.59
CA ALA A 169 -7.01 -11.63 6.92
C ALA A 169 -6.09 -12.25 7.97
N ILE A 170 -5.08 -12.99 7.50
CA ILE A 170 -4.22 -13.77 8.38
C ILE A 170 -2.77 -13.49 8.04
N CYS A 171 -2.04 -12.91 9.00
CA CYS A 171 -0.58 -12.79 8.94
C CYS A 171 -0.09 -12.11 7.67
N ASN A 172 0.74 -12.80 6.89
CA ASN A 172 1.45 -12.22 5.77
C ASN A 172 0.52 -11.83 4.62
N ASP A 173 -0.78 -12.07 4.79
CA ASP A 173 -1.76 -11.47 3.91
C ASP A 173 -1.67 -9.95 3.95
N ARG A 174 -1.34 -9.38 5.10
CA ARG A 174 -1.26 -7.94 5.28
C ARG A 174 -0.14 -7.29 4.48
N ARG A 175 0.80 -8.09 3.96
CA ARG A 175 1.90 -7.57 3.16
C ARG A 175 1.55 -7.45 1.68
N TRP A 176 0.35 -7.87 1.28
CA TRP A 176 -0.09 -7.81 -0.11
C TRP A 176 -1.19 -6.77 -0.26
N VAL A 177 -1.03 -5.87 -1.22
CA VAL A 177 -2.03 -4.84 -1.47
C VAL A 177 -3.34 -5.44 -1.99
N GLU A 178 -3.28 -6.63 -2.59
CA GLU A 178 -4.49 -7.27 -3.08
C GLU A 178 -5.39 -7.71 -1.94
N THR A 179 -4.81 -8.00 -0.77
CA THR A 179 -5.61 -8.39 0.38
C THR A 179 -6.57 -7.28 0.79
N TYR A 180 -6.07 -6.05 0.89
CA TYR A 180 -6.92 -4.95 1.30
C TYR A 180 -7.88 -4.53 0.18
N ARG A 181 -7.39 -4.51 -1.07
CA ARG A 181 -8.20 -3.99 -2.16
C ARG A 181 -9.38 -4.89 -2.48
N VAL A 182 -9.18 -6.22 -2.41
CA VAL A 182 -10.28 -7.14 -2.70
C VAL A 182 -11.42 -6.94 -1.71
N MET A 183 -11.10 -6.83 -0.42
CA MET A 183 -12.12 -6.55 0.57
C MET A 183 -12.60 -5.10 0.49
N GLY A 184 -11.71 -4.18 0.09
CA GLY A 184 -12.13 -2.80 -0.11
C GLY A 184 -13.15 -2.66 -1.23
N LEU A 185 -13.06 -3.52 -2.25
CA LEU A 185 -14.08 -3.56 -3.29
C LEU A 185 -15.38 -4.19 -2.83
N GLN A 186 -15.45 -4.61 -1.57
CA GLN A 186 -16.70 -5.07 -0.96
C GLN A 186 -17.19 -4.09 0.10
N ASN A 187 -16.73 -2.83 0.03
CA ASN A 187 -17.15 -1.78 0.96
C ASN A 187 -16.82 -2.14 2.40
N VAL A 188 -15.65 -2.76 2.62
CA VAL A 188 -15.25 -3.17 3.96
C VAL A 188 -15.00 -1.94 4.82
N GLU A 189 -15.30 -2.06 6.11
CA GLU A 189 -15.08 -0.98 7.07
C GLU A 189 -14.23 -1.40 8.26
N LEU A 190 -13.88 -2.68 8.38
CA LEU A 190 -13.07 -3.14 9.51
C LEU A 190 -12.43 -4.46 9.12
N ILE A 191 -11.10 -4.48 9.09
CA ILE A 191 -10.34 -5.68 8.72
C ILE A 191 -9.63 -6.19 9.97
N LEU A 192 -9.86 -7.45 10.31
CA LEU A 192 -9.27 -8.08 11.48
C LEU A 192 -8.13 -8.99 11.02
N ILE A 193 -6.94 -8.75 11.54
CA ILE A 193 -5.74 -9.47 11.12
C ILE A 193 -4.99 -9.94 12.36
N GLY A 194 -4.84 -11.25 12.50
CA GLY A 194 -3.94 -11.84 13.49
C GLY A 194 -2.71 -12.37 12.77
N TYR A 195 -1.54 -12.19 13.40
CA TYR A 195 -0.30 -12.55 12.72
C TYR A 195 0.72 -13.11 13.69
N ASN A 196 1.54 -14.02 13.18
CA ASN A 196 2.71 -14.55 13.87
C ASN A 196 3.92 -14.28 12.98
N THR A 197 4.68 -13.24 13.31
CA THR A 197 5.83 -12.85 12.50
C THR A 197 7.12 -13.12 13.26
N PRO A 198 7.92 -14.10 12.85
CA PRO A 198 9.17 -14.36 13.56
C PRO A 198 10.18 -13.23 13.37
N VAL A 199 11.17 -13.21 14.26
CA VAL A 199 12.25 -12.24 14.23
C VAL A 199 13.57 -12.99 14.23
N ASN A 200 14.42 -12.71 13.24
CA ASN A 200 15.73 -13.33 13.18
C ASN A 200 16.63 -12.81 14.29
N ASP A 201 17.31 -13.72 14.98
CA ASP A 201 18.20 -13.32 16.07
C ASP A 201 19.37 -12.51 15.54
N SER A 202 19.49 -11.28 16.04
CA SER A 202 20.55 -10.35 15.63
C SER A 202 20.55 -10.14 14.11
N SER A 207 17.32 -5.33 10.64
CA SER A 207 17.21 -5.07 12.08
C SER A 207 15.79 -5.30 12.57
N GLU A 208 15.55 -4.98 13.84
CA GLU A 208 14.21 -5.08 14.41
C GLU A 208 13.38 -3.82 14.18
N THR A 209 14.02 -2.65 14.15
CA THR A 209 13.29 -1.43 13.86
C THR A 209 12.73 -1.44 12.44
N LEU A 210 13.41 -2.12 11.52
CA LEU A 210 12.90 -2.23 10.15
C LEU A 210 11.76 -3.23 10.05
N GLY A 211 11.82 -4.31 10.83
CA GLY A 211 10.75 -5.29 10.83
C GLY A 211 9.46 -4.73 11.39
N MET A 212 9.56 -3.95 12.47
CA MET A 212 8.38 -3.29 13.02
C MET A 212 7.89 -2.19 12.09
N PHE A 213 8.80 -1.52 11.38
CA PHE A 213 8.41 -0.50 10.42
C PHE A 213 7.60 -1.10 9.27
N HIS A 214 8.05 -2.24 8.74
CA HIS A 214 7.32 -2.88 7.66
C HIS A 214 5.99 -3.45 8.13
N ASN A 215 5.90 -3.86 9.39
CA ASN A 215 4.65 -4.40 9.92
C ASN A 215 3.56 -3.34 9.93
N HIS A 216 3.88 -2.13 10.39
CA HIS A 216 2.88 -1.07 10.46
C HIS A 216 2.69 -0.37 9.13
N LEU A 217 3.74 -0.28 8.31
CA LEU A 217 3.62 0.42 7.03
C LEU A 217 2.58 -0.23 6.14
N THR A 218 2.56 -1.57 6.10
CA THR A 218 1.60 -2.25 5.24
C THR A 218 0.17 -2.10 5.75
N MET A 219 -0.01 -2.04 7.08
CA MET A 219 -1.34 -1.89 7.64
C MET A 219 -1.83 -0.45 7.56
N GLN A 220 -0.96 0.52 7.89
CA GLN A 220 -1.35 1.92 7.78
C GLN A 220 -1.66 2.31 6.35
N ALA A 221 -0.99 1.68 5.37
CA ALA A 221 -1.27 1.98 3.98
C ALA A 221 -2.55 1.30 3.51
N GLY A 222 -2.73 0.03 3.85
CA GLY A 222 -3.96 -0.67 3.48
C GLY A 222 -5.20 -0.06 4.10
N ALA A 223 -5.06 0.50 5.30
CA ALA A 223 -6.19 1.16 5.95
C ALA A 223 -6.53 2.47 5.24
N TYR A 224 -5.52 3.29 4.94
CA TYR A 224 -5.78 4.57 4.30
C TYR A 224 -6.21 4.39 2.86
N GLN A 225 -5.45 3.62 2.07
CA GLN A 225 -5.74 3.47 0.66
C GLN A 225 -7.02 2.71 0.38
N ASN A 226 -7.68 2.17 1.42
CA ASN A 226 -9.00 1.57 1.30
C ASN A 226 -10.02 2.22 2.24
N SER A 227 -9.62 3.21 3.02
CA SER A 227 -10.48 3.92 3.97
C SER A 227 -11.28 2.94 4.82
N THR A 228 -10.56 2.17 5.64
CA THR A 228 -11.15 1.15 6.48
C THR A 228 -10.32 1.03 7.75
N TRP A 229 -10.96 0.52 8.80
CA TRP A 229 -10.25 0.22 10.04
C TRP A 229 -9.48 -1.09 9.90
N VAL A 230 -8.30 -1.15 10.50
CA VAL A 230 -7.46 -2.32 10.49
C VAL A 230 -6.99 -2.59 11.91
N VAL A 231 -7.23 -3.82 12.39
CA VAL A 231 -6.81 -4.24 13.73
C VAL A 231 -5.81 -5.38 13.55
N GLY A 232 -4.57 -5.13 13.97
CA GLY A 232 -3.53 -6.14 13.88
C GLY A 232 -3.10 -6.65 15.24
N VAL A 233 -3.37 -7.92 15.52
CA VAL A 233 -3.11 -8.53 16.81
C VAL A 233 -2.06 -9.61 16.63
N ALA A 234 -1.04 -9.61 17.47
CA ALA A 234 0.09 -10.52 17.35
C ALA A 234 0.15 -11.47 18.53
N LYS A 235 0.84 -12.59 18.31
CA LYS A 235 1.30 -13.47 19.38
C LYS A 235 2.81 -13.30 19.46
N ALA A 236 3.28 -12.62 20.50
CA ALA A 236 4.66 -12.19 20.60
C ALA A 236 5.39 -12.96 21.70
N GLY A 237 6.61 -12.53 22.00
CA GLY A 237 7.43 -13.13 23.03
C GLY A 237 8.39 -14.16 22.48
N VAL A 238 9.25 -14.65 23.36
CA VAL A 238 10.21 -15.70 23.02
C VAL A 238 9.50 -17.04 23.19
N GLU A 239 9.31 -17.75 22.08
CA GLU A 239 8.56 -19.00 22.06
C GLU A 239 9.54 -20.13 21.79
N ASP A 240 9.98 -20.78 22.88
CA ASP A 240 10.94 -21.88 22.81
C ASP A 240 12.22 -21.47 22.08
N GLY A 241 12.72 -20.28 22.38
CA GLY A 241 13.91 -19.75 21.76
C GLY A 241 13.69 -19.02 20.45
N HIS A 242 12.44 -18.88 20.01
CA HIS A 242 12.11 -18.19 18.76
C HIS A 242 11.30 -16.96 19.09
N ARG A 243 11.89 -15.79 18.88
CA ARG A 243 11.23 -14.54 19.21
C ARG A 243 10.21 -14.17 18.14
N LEU A 244 9.01 -13.83 18.57
CA LEU A 244 7.93 -13.42 17.68
C LEU A 244 7.67 -11.93 17.82
N MET A 245 7.41 -11.28 16.69
CA MET A 245 7.23 -9.83 16.68
C MET A 245 5.93 -9.46 17.41
N GLY A 246 5.98 -8.33 18.11
CA GLY A 246 4.81 -7.80 18.77
C GLY A 246 4.21 -6.63 18.01
N GLY A 247 4.03 -5.50 18.68
CA GLY A 247 3.53 -4.31 18.04
C GLY A 247 2.10 -4.41 17.55
N SER A 248 1.22 -5.05 18.32
CA SER A 248 -0.19 -5.10 17.98
C SER A 248 -0.74 -3.69 17.87
N VAL A 249 -1.55 -3.44 16.84
CA VAL A 249 -1.93 -2.09 16.47
C VAL A 249 -3.40 -2.05 16.05
N ILE A 250 -3.98 -0.85 16.16
CA ILE A 250 -5.31 -0.55 15.65
C ILE A 250 -5.20 0.73 14.82
N VAL A 251 -5.56 0.64 13.54
CA VAL A 251 -5.33 1.70 12.58
C VAL A 251 -6.66 2.28 12.11
N ALA A 252 -6.72 3.60 12.01
CA ALA A 252 -7.90 4.31 11.56
C ALA A 252 -7.96 4.35 10.03
N PRO A 253 -9.12 4.66 9.45
CA PRO A 253 -9.19 4.81 7.98
C PRO A 253 -8.26 5.87 7.42
N THR A 254 -7.76 6.79 8.26
CA THR A 254 -6.77 7.76 7.82
C THR A 254 -5.36 7.20 7.81
N GLY A 255 -5.18 5.92 8.14
CA GLY A 255 -3.87 5.34 8.27
C GLY A 255 -3.17 5.65 9.57
N GLU A 256 -3.80 6.38 10.48
CA GLU A 256 -3.18 6.73 11.75
C GLU A 256 -3.32 5.62 12.77
N ILE A 257 -2.31 5.51 13.64
CA ILE A 257 -2.33 4.53 14.71
C ILE A 257 -3.03 5.14 15.92
N VAL A 258 -4.12 4.51 16.36
CA VAL A 258 -4.86 4.98 17.53
C VAL A 258 -4.62 4.12 18.76
N ALA A 259 -4.01 2.94 18.60
CA ALA A 259 -3.71 2.07 19.73
C ALA A 259 -2.53 1.20 19.35
N GLN A 260 -1.63 0.97 20.30
CA GLN A 260 -0.42 0.21 20.04
C GLN A 260 0.02 -0.50 21.30
N ALA A 261 0.39 -1.78 21.16
CA ALA A 261 0.85 -2.56 22.30
C ALA A 261 2.28 -2.20 22.66
N MET A 262 2.62 -2.37 23.94
CA MET A 262 3.93 -2.00 24.45
C MET A 262 4.73 -3.17 24.98
N THR A 263 4.13 -4.35 25.13
CA THR A 263 4.81 -5.54 25.64
C THR A 263 4.80 -6.62 24.57
N GLU A 264 5.47 -7.73 24.88
CA GLU A 264 5.46 -8.92 24.05
C GLU A 264 4.74 -10.08 24.73
N GLY A 265 3.82 -9.77 25.63
CA GLY A 265 3.04 -10.79 26.32
C GLY A 265 1.55 -10.56 26.21
N ASP A 266 0.77 -11.19 27.09
CA ASP A 266 -0.67 -11.01 27.11
C ASP A 266 -1.03 -9.55 27.40
N GLU A 267 -1.40 -8.82 26.37
CA GLU A 267 -1.71 -7.40 26.48
C GLU A 267 -2.94 -7.08 25.66
N LEU A 268 -3.75 -6.14 26.15
CA LEU A 268 -4.99 -5.75 25.48
C LEU A 268 -4.93 -4.27 25.16
N ILE A 269 -5.08 -3.93 23.88
CA ILE A 269 -5.19 -2.56 23.42
C ILE A 269 -6.63 -2.35 22.95
N VAL A 270 -7.22 -1.22 23.36
CA VAL A 270 -8.61 -0.93 23.01
C VAL A 270 -8.67 0.43 22.35
N ALA A 271 -9.68 0.61 21.49
CA ALA A 271 -9.90 1.86 20.79
C ALA A 271 -11.35 1.91 20.33
N ASP A 272 -11.93 3.10 20.39
CA ASP A 272 -13.32 3.31 19.97
C ASP A 272 -13.32 3.71 18.51
N CYS A 273 -13.80 2.82 17.66
CA CYS A 273 -13.70 2.97 16.20
C CYS A 273 -15.06 3.36 15.65
N ASP A 274 -15.18 4.60 15.19
CA ASP A 274 -16.40 5.05 14.51
C ASP A 274 -16.37 4.52 13.08
N LEU A 275 -17.27 3.59 12.78
CA LEU A 275 -17.34 3.02 11.44
C LEU A 275 -17.75 4.05 10.40
N ASP A 276 -18.42 5.14 10.81
CA ASP A 276 -18.74 6.21 9.88
C ASP A 276 -17.52 7.05 9.52
N ARG A 277 -16.39 6.84 10.18
CA ARG A 277 -15.14 7.48 9.75
C ARG A 277 -14.56 6.84 8.49
N CYS A 278 -15.08 5.68 8.07
CA CYS A 278 -14.68 5.07 6.81
C CYS A 278 -15.31 5.74 5.61
N ARG A 279 -16.10 6.79 5.81
CA ARG A 279 -16.87 7.40 4.73
C ARG A 279 -16.19 8.60 4.10
N TYR A 280 -15.25 9.25 4.81
CA TYR A 280 -14.62 10.46 4.29
C TYR A 280 -13.97 10.20 2.94
N TYR A 281 -13.04 9.24 2.89
CA TYR A 281 -12.28 9.02 1.67
C TYR A 281 -13.09 8.25 0.63
N LYS A 282 -13.98 7.36 1.05
CA LYS A 282 -14.90 6.73 0.11
C LYS A 282 -15.81 7.74 -0.56
N SER A 283 -16.04 8.90 0.07
CA SER A 283 -16.93 9.89 -0.51
C SER A 283 -16.29 10.60 -1.69
N HIS A 284 -14.98 10.85 -1.63
CA HIS A 284 -14.33 11.65 -2.65
C HIS A 284 -12.97 11.10 -3.07
N ILE A 285 -12.00 11.12 -2.15
CA ILE A 285 -10.62 10.76 -2.51
C ILE A 285 -10.56 9.34 -3.05
N PHE A 286 -11.04 8.38 -2.26
CA PHE A 286 -11.01 6.98 -2.68
C PHE A 286 -12.40 6.49 -3.08
N ASN A 287 -13.07 7.24 -3.94
CA ASN A 287 -14.34 6.80 -4.51
C ASN A 287 -14.01 5.84 -5.65
N PHE A 288 -14.14 4.54 -5.38
CA PHE A 288 -13.74 3.53 -6.36
C PHE A 288 -14.57 3.64 -7.63
N ALA A 289 -15.87 3.94 -7.51
CA ALA A 289 -16.72 4.01 -8.69
C ALA A 289 -16.32 5.16 -9.62
N ALA A 290 -15.70 6.20 -9.07
CA ALA A 290 -15.39 7.39 -9.86
C ALA A 290 -14.01 7.31 -10.52
N HIS A 291 -12.95 7.27 -9.71
CA HIS A 291 -11.59 7.44 -10.21
C HIS A 291 -10.96 6.16 -10.72
N ARG A 292 -11.41 5.00 -10.27
CA ARG A 292 -10.73 3.75 -10.58
C ARG A 292 -10.91 3.36 -12.03
N ARG A 293 -9.85 2.84 -12.64
CA ARG A 293 -9.84 2.46 -14.05
C ARG A 293 -9.37 1.00 -14.16
N PRO A 294 -10.29 0.05 -14.13
CA PRO A 294 -9.89 -1.36 -14.15
C PRO A 294 -9.31 -1.83 -15.48
N GLU A 295 -9.48 -1.07 -16.56
CA GLU A 295 -8.97 -1.52 -17.85
C GLU A 295 -7.44 -1.46 -17.94
N PHE A 296 -6.78 -0.84 -16.98
CA PHE A 296 -5.32 -0.78 -16.94
C PHE A 296 -4.72 -1.69 -15.88
N TYR A 297 -5.55 -2.36 -15.08
CA TYR A 297 -5.08 -3.23 -14.00
C TYR A 297 -5.06 -4.70 -14.41
N GLN A 298 -5.16 -4.98 -15.72
CA GLN A 298 -5.38 -6.36 -16.16
C GLN A 298 -4.20 -7.27 -15.81
N ARG A 299 -3.00 -6.71 -15.65
CA ARG A 299 -1.84 -7.54 -15.31
C ARG A 299 -1.98 -8.16 -13.92
N ILE A 300 -2.79 -7.58 -13.05
CA ILE A 300 -2.89 -8.07 -11.67
C ILE A 300 -3.54 -9.45 -11.64
N THR A 301 -4.55 -9.68 -12.48
CA THR A 301 -5.23 -10.97 -12.52
C THR A 301 -4.79 -11.87 -13.66
N SER A 302 -4.11 -11.32 -14.66
CA SER A 302 -3.72 -12.12 -15.82
C SER A 302 -2.53 -13.03 -15.49
N GLN A 303 -1.48 -12.47 -14.93
CA GLN A 303 -0.23 -13.18 -14.70
C GLN A 303 0.03 -13.31 -13.20
N THR A 304 1.04 -14.11 -12.88
CA THR A 304 1.52 -14.31 -11.51
C THR A 304 2.91 -13.75 -11.28
N GLY A 305 3.85 -13.99 -12.20
CA GLY A 305 5.20 -13.50 -12.06
C GLY A 305 5.44 -12.15 -12.70
N VAL A 306 6.46 -12.07 -13.56
CA VAL A 306 6.85 -10.82 -14.19
C VAL A 306 6.93 -11.00 -15.70
N GLU A 307 6.66 -9.92 -16.42
CA GLU A 307 6.72 -9.92 -17.88
C GLU A 307 7.09 -8.54 -18.41
N THR B 2 27.35 -3.55 -10.82
CA THR B 2 27.21 -2.47 -9.84
C THR B 2 25.78 -1.91 -9.85
N ARG B 3 25.39 -1.31 -10.97
CA ARG B 3 24.05 -0.77 -11.18
C ARG B 3 23.68 0.25 -10.10
N ARG B 4 24.47 1.32 -10.05
CA ARG B 4 24.23 2.42 -9.12
C ARG B 4 24.00 3.69 -9.92
N ILE B 5 22.84 4.31 -9.72
CA ILE B 5 22.45 5.54 -10.39
C ILE B 5 22.25 6.60 -9.32
N ARG B 6 22.89 7.76 -9.49
CA ARG B 6 22.69 8.90 -8.60
C ARG B 6 21.56 9.75 -9.16
N ILE B 7 20.44 9.78 -8.45
CA ILE B 7 19.23 10.46 -8.92
C ILE B 7 19.11 11.80 -8.22
N GLY B 8 18.69 12.81 -8.97
CA GLY B 8 18.48 14.13 -8.41
C GLY B 8 17.03 14.58 -8.50
N GLY B 9 16.34 14.59 -7.37
CA GLY B 9 14.96 15.06 -7.33
C GLY B 9 14.88 16.57 -7.45
N ALA B 10 14.46 17.06 -8.62
CA ALA B 10 14.44 18.50 -8.90
C ALA B 10 13.07 19.06 -8.56
N GLN B 11 12.86 19.32 -7.27
CA GLN B 11 11.64 19.99 -6.83
C GLN B 11 11.68 21.46 -7.26
N MET B 12 10.54 21.95 -7.74
CA MET B 12 10.43 23.33 -8.20
C MET B 12 9.58 24.13 -7.24
N GLY B 13 9.65 25.46 -7.41
CA GLY B 13 8.81 26.39 -6.69
C GLY B 13 7.56 26.74 -7.47
N ALA B 14 6.85 27.74 -6.97
CA ALA B 14 5.61 28.15 -7.60
C ALA B 14 5.87 28.77 -8.97
N ILE B 15 5.01 28.42 -9.93
CA ILE B 15 5.06 28.96 -11.29
C ILE B 15 3.73 29.64 -11.55
N SER B 16 3.73 30.97 -11.61
CA SER B 16 2.50 31.72 -11.81
C SER B 16 2.20 31.88 -13.30
N ARG B 17 0.98 32.33 -13.59
CA ARG B 17 0.59 32.57 -14.97
C ARG B 17 1.41 33.68 -15.60
N SER B 18 1.90 34.62 -14.79
CA SER B 18 2.72 35.71 -15.29
C SER B 18 4.10 35.25 -15.75
N ASP B 19 4.58 34.12 -15.23
CA ASP B 19 5.92 33.65 -15.57
C ASP B 19 6.01 33.27 -17.04
N SER B 20 7.03 33.80 -17.71
CA SER B 20 7.28 33.43 -19.09
C SER B 20 7.91 32.04 -19.17
N LYS B 21 7.62 31.33 -20.26
CA LYS B 21 8.18 30.00 -20.44
C LYS B 21 9.70 30.06 -20.56
N LYS B 22 10.26 31.20 -21.00
CA LYS B 22 11.70 31.37 -21.01
C LYS B 22 12.26 31.34 -19.60
N GLU B 23 11.57 32.00 -18.66
CA GLU B 23 12.02 31.96 -17.27
C GLU B 23 11.79 30.60 -16.63
N ILE B 24 10.78 29.86 -17.11
CA ILE B 24 10.49 28.54 -16.56
C ILE B 24 11.59 27.55 -16.93
N VAL B 25 11.97 27.52 -18.21
CA VAL B 25 12.99 26.58 -18.67
C VAL B 25 14.34 26.92 -18.05
N ASP B 26 14.64 28.22 -17.88
CA ASP B 26 15.90 28.60 -17.26
C ASP B 26 15.98 28.12 -15.82
N ARG B 27 14.84 28.03 -15.13
CA ARG B 27 14.84 27.43 -13.80
C ARG B 27 15.08 25.93 -13.87
N LEU B 28 14.60 25.27 -14.92
CA LEU B 28 14.85 23.85 -15.10
C LEU B 28 16.31 23.58 -15.43
N ILE B 29 16.90 24.43 -16.28
CA ILE B 29 18.31 24.27 -16.61
C ILE B 29 19.18 24.51 -15.39
N ALA B 30 18.78 25.46 -14.53
CA ALA B 30 19.53 25.71 -13.30
C ALA B 30 19.53 24.49 -12.39
N LEU B 31 18.39 23.81 -12.30
CA LEU B 31 18.33 22.56 -11.53
C LEU B 31 19.10 21.45 -12.22
N LEU B 32 19.16 21.48 -13.56
CA LEU B 32 19.92 20.47 -14.29
C LEU B 32 21.41 20.63 -14.05
N ARG B 33 21.90 21.87 -14.10
CA ARG B 33 23.34 22.11 -13.93
C ARG B 33 23.78 21.80 -12.50
N GLN B 34 22.95 22.11 -11.51
CA GLN B 34 23.29 21.78 -10.13
C GLN B 34 23.35 20.27 -9.92
N ALA B 35 22.54 19.51 -10.65
CA ALA B 35 22.57 18.05 -10.53
C ALA B 35 23.85 17.47 -11.12
N SER B 36 24.32 18.05 -12.23
CA SER B 36 25.57 17.57 -12.82
C SER B 36 26.75 17.81 -11.89
N GLU B 37 26.80 18.98 -11.26
CA GLU B 37 27.88 19.27 -10.33
C GLU B 37 27.85 18.36 -9.11
N LYS B 38 26.68 17.79 -8.79
CA LYS B 38 26.54 16.85 -7.69
C LYS B 38 26.63 15.40 -8.17
N GLY B 39 26.92 15.18 -9.44
CA GLY B 39 27.10 13.83 -9.96
C GLY B 39 25.83 13.09 -10.29
N CYS B 40 24.70 13.79 -10.41
CA CYS B 40 23.44 13.12 -10.72
C CYS B 40 23.40 12.71 -12.18
N GLU B 41 23.02 11.46 -12.42
CA GLU B 41 22.87 10.93 -13.76
C GLU B 41 21.43 10.94 -14.25
N LEU B 42 20.47 11.19 -13.35
CA LEU B 42 19.06 11.28 -13.70
C LEU B 42 18.42 12.39 -12.87
N VAL B 43 17.60 13.19 -13.52
CA VAL B 43 16.92 14.33 -12.90
C VAL B 43 15.42 14.15 -13.08
N VAL B 44 14.67 14.19 -11.98
CA VAL B 44 13.22 13.99 -12.01
C VAL B 44 12.56 15.34 -11.79
N PHE B 45 11.73 15.77 -12.77
CA PHE B 45 11.00 17.03 -12.74
C PHE B 45 9.53 16.79 -12.41
N PRO B 46 8.85 17.77 -11.80
CA PRO B 46 7.47 17.56 -11.37
C PRO B 46 6.47 17.43 -12.50
N GLU B 47 5.19 17.26 -12.14
CA GLU B 47 4.12 17.18 -13.11
C GLU B 47 3.77 18.56 -13.64
N LEU B 48 3.56 18.64 -14.96
CA LEU B 48 3.24 19.89 -15.63
C LEU B 48 4.27 20.97 -15.31
N ALA B 49 5.54 20.60 -15.43
CA ALA B 49 6.65 21.46 -15.04
C ALA B 49 6.90 22.60 -16.02
N LEU B 50 6.10 22.74 -17.08
CA LEU B 50 6.30 23.76 -18.09
C LEU B 50 5.19 24.79 -18.12
N SER B 51 4.42 24.91 -17.04
CA SER B 51 3.31 25.85 -16.97
C SER B 51 2.82 25.92 -15.54
N THR B 52 1.98 26.92 -15.28
CA THR B 52 1.27 26.96 -14.02
C THR B 52 0.25 25.83 -13.98
N PHE B 53 -0.12 25.43 -12.75
CA PHE B 53 -1.16 24.41 -12.58
C PHE B 53 -2.50 25.03 -12.98
N PHE B 54 -2.77 25.01 -14.29
CA PHE B 54 -3.92 25.69 -14.87
C PHE B 54 -5.27 24.98 -14.69
N PRO B 55 -5.34 23.69 -14.24
CA PRO B 55 -6.64 23.17 -13.80
C PRO B 55 -7.24 23.94 -12.63
N ARG B 56 -6.49 24.92 -12.14
CA ARG B 56 -6.93 25.78 -11.05
C ARG B 56 -8.00 26.77 -11.49
N TRP B 57 -8.11 27.05 -12.79
CA TRP B 57 -8.99 28.09 -13.30
C TRP B 57 -10.06 27.49 -14.20
N TYR B 58 -11.16 28.22 -14.34
CA TYR B 58 -12.32 27.75 -15.08
C TYR B 58 -12.32 28.34 -16.49
N ALA B 59 -12.52 27.48 -17.48
CA ALA B 59 -12.61 27.88 -18.88
C ALA B 59 -13.15 26.69 -19.67
N GLU B 60 -13.44 26.93 -20.94
CA GLU B 60 -13.92 25.85 -21.80
C GLU B 60 -12.77 24.91 -22.15
N ARG B 61 -13.13 23.70 -22.56
CA ARG B 61 -12.13 22.70 -22.92
C ARG B 61 -11.34 23.09 -24.16
N ASP B 62 -11.88 23.98 -24.99
CA ASP B 62 -11.13 24.47 -26.14
C ASP B 62 -9.98 25.37 -25.71
N GLY B 63 -10.16 26.11 -24.63
CA GLY B 63 -9.11 26.96 -24.09
C GLY B 63 -8.01 26.16 -23.44
N MET B 64 -7.20 26.86 -22.63
CA MET B 64 -6.04 26.35 -21.90
C MET B 64 -4.97 25.77 -22.80
N ASP B 65 -5.14 25.79 -24.13
CA ASP B 65 -4.13 25.25 -25.02
C ASP B 65 -2.85 26.07 -25.02
N GLY B 66 -2.92 27.32 -24.54
CA GLY B 66 -1.71 28.14 -24.42
C GLY B 66 -0.71 27.60 -23.43
N TYR B 67 -1.14 26.73 -22.51
CA TYR B 67 -0.24 26.08 -21.58
C TYR B 67 0.27 24.73 -22.07
N PHE B 68 -0.36 24.16 -23.09
CA PHE B 68 0.05 22.89 -23.64
C PHE B 68 1.31 23.05 -24.49
N GLU B 69 1.87 21.92 -24.90
CA GLU B 69 3.06 21.88 -25.74
C GLU B 69 2.69 21.35 -27.11
N ASP B 70 3.16 22.02 -28.15
CA ASP B 70 2.89 21.57 -29.52
C ASP B 70 3.60 20.25 -29.80
N GLY B 71 4.92 20.25 -29.70
CA GLY B 71 5.70 19.03 -29.87
C GLY B 71 6.57 18.76 -28.66
N MET B 72 7.45 17.77 -28.76
CA MET B 72 8.36 17.43 -27.67
C MET B 72 9.65 16.89 -28.26
N PRO B 73 10.74 17.70 -28.26
CA PRO B 73 10.72 19.06 -27.74
C PRO B 73 10.29 20.11 -28.77
N ASN B 74 10.08 21.34 -28.32
CA ASN B 74 9.76 22.44 -29.23
C ASN B 74 10.83 23.53 -29.13
N ALA B 75 10.52 24.73 -29.63
CA ALA B 75 11.51 25.80 -29.61
C ALA B 75 11.84 26.25 -28.19
N ALA B 76 10.87 26.20 -27.28
CA ALA B 76 11.12 26.66 -25.92
C ALA B 76 11.73 25.57 -25.05
N THR B 77 11.50 24.30 -25.39
CA THR B 77 12.05 23.19 -24.62
C THR B 77 13.34 22.64 -25.20
N LEU B 78 13.72 23.07 -26.41
CA LEU B 78 14.97 22.59 -27.00
C LEU B 78 16.21 22.92 -26.18
N PRO B 79 16.34 24.09 -25.55
CA PRO B 79 17.54 24.33 -24.73
C PRO B 79 17.70 23.34 -23.59
N LEU B 80 16.61 22.88 -22.98
CA LEU B 80 16.72 21.92 -21.90
C LEU B 80 17.24 20.58 -22.39
N PHE B 81 16.83 20.16 -23.57
CA PHE B 81 17.31 18.90 -24.13
C PHE B 81 18.78 19.00 -24.53
N GLU B 82 19.19 20.15 -25.08
CA GLU B 82 20.57 20.30 -25.54
C GLU B 82 21.53 20.36 -24.36
N GLU B 83 21.12 20.98 -23.25
CA GLU B 83 21.98 21.03 -22.07
C GLU B 83 22.08 19.66 -21.40
N ALA B 84 20.99 18.89 -21.42
CA ALA B 84 20.99 17.57 -20.77
C ALA B 84 21.90 16.60 -21.51
N ARG B 85 21.76 16.53 -22.85
CA ARG B 85 22.63 15.67 -23.63
C ARG B 85 24.09 16.12 -23.54
N ARG B 86 24.32 17.42 -23.34
CA ARG B 86 25.67 17.94 -23.23
C ARG B 86 26.37 17.39 -22.00
N LEU B 87 25.74 17.52 -20.82
CA LEU B 87 26.31 17.04 -19.58
C LEU B 87 26.14 15.54 -19.38
N GLY B 88 25.50 14.85 -20.32
CA GLY B 88 25.29 13.42 -20.20
C GLY B 88 24.34 13.05 -19.09
N ILE B 89 23.20 13.73 -19.01
CA ILE B 89 22.21 13.53 -17.96
C ILE B 89 20.87 13.23 -18.60
N GLY B 90 20.20 12.17 -18.14
CA GLY B 90 18.83 11.92 -18.51
C GLY B 90 17.85 12.57 -17.54
N PHE B 91 16.63 12.76 -18.00
CA PHE B 91 15.64 13.44 -17.18
C PHE B 91 14.24 12.98 -17.55
N SER B 92 13.32 13.15 -16.60
CA SER B 92 11.90 12.89 -16.79
C SER B 92 11.16 14.20 -16.58
N LEU B 93 10.41 14.64 -17.60
CA LEU B 93 9.74 15.93 -17.58
C LEU B 93 8.25 15.73 -17.78
N GLY B 94 7.45 16.38 -16.93
CA GLY B 94 6.00 16.34 -17.05
C GLY B 94 5.49 17.61 -17.72
N TYR B 95 4.48 17.45 -18.57
CA TYR B 95 3.96 18.56 -19.35
C TYR B 95 2.57 18.20 -19.87
N ALA B 96 1.85 19.23 -20.30
CA ALA B 96 0.55 19.05 -20.96
C ALA B 96 0.79 18.83 -22.44
N GLU B 97 0.30 17.70 -22.95
CA GLU B 97 0.59 17.28 -24.32
C GLU B 97 -0.60 17.59 -25.23
N LEU B 98 -0.33 18.30 -26.32
CA LEU B 98 -1.31 18.57 -27.36
C LEU B 98 -0.82 17.89 -28.64
N VAL B 99 -1.54 16.85 -29.07
CA VAL B 99 -1.09 16.02 -30.18
C VAL B 99 -2.28 15.66 -31.05
N GLN B 100 -2.01 15.50 -32.35
CA GLN B 100 -3.01 15.06 -33.32
C GLN B 100 -2.83 13.55 -33.52
N GLU B 101 -3.75 12.76 -32.98
CA GLU B 101 -3.72 11.32 -33.11
C GLU B 101 -5.09 10.81 -33.55
N ASP B 102 -5.09 9.83 -34.45
CA ASP B 102 -6.29 9.27 -35.08
C ASP B 102 -7.31 10.35 -35.42
N GLY B 103 -6.84 11.37 -36.15
CA GLY B 103 -7.71 12.42 -36.64
C GLY B 103 -7.87 13.59 -35.69
N ARG B 104 -8.73 13.43 -34.68
CA ARG B 104 -9.00 14.50 -33.74
C ARG B 104 -7.77 14.83 -32.90
N VAL B 105 -7.71 16.06 -32.42
CA VAL B 105 -6.65 16.48 -31.53
C VAL B 105 -6.96 15.98 -30.12
N ARG B 106 -5.92 15.56 -29.40
CA ARG B 106 -6.08 14.97 -28.07
C ARG B 106 -5.18 15.69 -27.09
N ARG B 107 -5.63 15.73 -25.83
CA ARG B 107 -4.94 16.45 -24.76
C ARG B 107 -4.66 15.48 -23.62
N PHE B 108 -3.38 15.33 -23.26
CA PHE B 108 -2.98 14.40 -22.22
C PHE B 108 -2.06 15.08 -21.22
N ASN B 109 -2.12 14.61 -19.99
CA ASN B 109 -1.12 14.92 -18.97
C ASN B 109 0.00 13.89 -19.12
N THR B 110 1.17 14.35 -19.56
CA THR B 110 2.18 13.46 -20.10
C THR B 110 3.54 13.67 -19.42
N THR B 111 4.26 12.57 -19.21
CA THR B 111 5.63 12.60 -18.76
C THR B 111 6.49 11.83 -19.76
N VAL B 112 7.66 12.40 -20.10
CA VAL B 112 8.58 11.80 -21.05
C VAL B 112 9.89 11.49 -20.35
N LEU B 113 10.48 10.35 -20.69
CA LEU B 113 11.75 9.92 -20.13
C LEU B 113 12.83 10.00 -21.21
N VAL B 114 13.92 10.70 -20.90
CA VAL B 114 15.03 10.91 -21.83
C VAL B 114 16.28 10.28 -21.25
N GLU B 115 17.02 9.56 -22.10
CA GLU B 115 18.27 8.92 -21.68
C GLU B 115 19.41 9.95 -21.69
N ARG B 116 20.51 9.58 -21.02
CA ARG B 116 21.69 10.43 -20.97
C ARG B 116 22.22 10.80 -22.35
N ASN B 117 21.91 10.01 -23.38
CA ASN B 117 22.32 10.34 -24.74
C ASN B 117 21.37 11.32 -25.42
N GLY B 118 20.25 11.66 -24.79
CA GLY B 118 19.30 12.60 -25.37
C GLY B 118 18.17 11.97 -26.14
N GLU B 119 18.00 10.65 -26.07
CA GLU B 119 16.97 9.95 -26.82
C GLU B 119 15.75 9.74 -25.95
N ILE B 120 14.57 10.01 -26.50
CA ILE B 120 13.31 9.81 -25.79
C ILE B 120 13.09 8.31 -25.62
N VAL B 121 13.14 7.84 -24.39
CA VAL B 121 13.00 6.41 -24.11
C VAL B 121 11.53 6.01 -23.96
N GLY B 122 10.77 6.76 -23.17
CA GLY B 122 9.38 6.40 -22.91
C GLY B 122 8.51 7.62 -22.76
N LYS B 123 7.20 7.36 -22.80
CA LYS B 123 6.20 8.42 -22.66
C LYS B 123 4.98 7.84 -21.97
N TYR B 124 4.62 8.39 -20.81
CA TYR B 124 3.46 7.97 -20.05
C TYR B 124 2.43 9.08 -20.01
N ARG B 125 1.17 8.70 -20.17
CA ARG B 125 0.04 9.63 -20.11
C ARG B 125 -0.83 9.30 -18.91
N LYS B 126 -1.26 10.35 -18.21
CA LYS B 126 -1.92 10.18 -16.92
C LYS B 126 -3.21 9.36 -17.07
N ILE B 127 -3.45 8.49 -16.09
CA ILE B 127 -4.60 7.60 -16.13
C ILE B 127 -5.68 8.08 -15.16
N HIS B 128 -5.31 8.22 -13.89
CA HIS B 128 -6.26 8.62 -12.85
C HIS B 128 -6.32 10.14 -12.79
N LEU B 129 -7.32 10.72 -13.46
CA LEU B 129 -7.48 12.17 -13.46
C LEU B 129 -8.23 12.61 -12.20
N PRO B 130 -7.67 13.54 -11.43
CA PRO B 130 -8.34 13.97 -10.20
C PRO B 130 -9.32 15.11 -10.45
N GLY B 131 -9.82 15.70 -9.37
CA GLY B 131 -10.66 16.87 -9.49
C GLY B 131 -12.06 16.59 -10.01
N HIS B 132 -12.68 17.63 -10.55
CA HIS B 132 -14.04 17.57 -11.05
C HIS B 132 -14.08 18.11 -12.48
N ALA B 133 -15.18 17.81 -13.17
CA ALA B 133 -15.32 18.20 -14.56
C ALA B 133 -16.01 19.55 -14.74
N GLU B 134 -16.89 19.92 -13.82
CA GLU B 134 -17.62 21.18 -13.89
C GLU B 134 -17.22 22.10 -12.75
N TYR B 135 -17.57 23.38 -12.89
CA TYR B 135 -17.25 24.36 -11.88
C TYR B 135 -18.06 24.11 -10.61
N GLU B 136 -17.40 24.26 -9.47
CA GLU B 136 -18.05 24.09 -8.17
C GLU B 136 -17.80 25.33 -7.32
N PRO B 137 -18.81 26.20 -7.14
CA PRO B 137 -18.57 27.44 -6.39
C PRO B 137 -18.37 27.23 -4.89
N GLU B 138 -18.75 26.07 -4.36
CA GLU B 138 -18.60 25.83 -2.93
C GLU B 138 -17.15 25.60 -2.54
N ARG B 139 -16.31 25.19 -3.47
CA ARG B 139 -14.90 24.96 -3.18
C ARG B 139 -14.17 26.28 -3.00
N SER B 140 -13.20 26.30 -2.07
CA SER B 140 -12.31 27.45 -1.97
C SER B 140 -11.46 27.57 -3.23
N HIS B 141 -10.91 26.45 -3.69
CA HIS B 141 -10.08 26.40 -4.89
C HIS B 141 -10.63 25.35 -5.84
N GLN B 142 -10.55 25.64 -7.13
CA GLN B 142 -11.05 24.72 -8.15
C GLN B 142 -9.98 23.70 -8.52
N HIS B 143 -10.43 22.61 -9.14
CA HIS B 143 -9.53 21.55 -9.58
C HIS B 143 -10.22 20.84 -10.75
N LEU B 144 -9.93 21.28 -11.96
CA LEU B 144 -10.63 20.78 -13.14
C LEU B 144 -9.69 20.06 -14.09
N GLU B 145 -9.02 19.01 -13.60
CA GLU B 145 -8.18 18.20 -14.48
C GLU B 145 -9.01 17.39 -15.45
N LYS B 146 -10.16 16.87 -15.00
CA LYS B 146 -11.03 16.11 -15.88
C LYS B 146 -11.59 16.97 -17.01
N ARG B 147 -11.56 18.28 -16.87
CA ARG B 147 -12.10 19.16 -17.89
C ARG B 147 -11.12 19.38 -19.03
N TYR B 148 -9.83 19.53 -18.71
CA TYR B 148 -8.83 19.87 -19.71
C TYR B 148 -8.03 18.68 -20.23
N PHE B 149 -8.10 17.54 -19.57
CA PHE B 149 -7.37 16.35 -19.99
C PHE B 149 -8.32 15.17 -20.14
N GLU B 150 -7.96 14.26 -21.02
CA GLU B 150 -8.64 12.98 -21.17
C GLU B 150 -7.72 11.86 -20.71
N VAL B 151 -8.32 10.70 -20.43
CA VAL B 151 -7.57 9.59 -19.87
C VAL B 151 -6.51 9.13 -20.86
N GLY B 152 -5.29 8.93 -20.38
CA GLY B 152 -4.20 8.53 -21.25
C GLY B 152 -4.40 7.13 -21.81
N ASN B 153 -3.82 6.91 -22.98
CA ASN B 153 -3.97 5.66 -23.71
C ASN B 153 -2.66 4.88 -23.81
N THR B 154 -1.75 5.10 -22.88
CA THR B 154 -0.47 4.39 -22.85
C THR B 154 -0.39 3.32 -21.77
N GLY B 155 -1.05 3.52 -20.63
CA GLY B 155 -0.96 2.59 -19.54
C GLY B 155 0.35 2.70 -18.78
N PHE B 156 0.44 1.94 -17.69
CA PHE B 156 1.65 1.93 -16.87
C PHE B 156 2.70 1.08 -17.56
N GLN B 157 3.72 1.74 -18.12
CA GLN B 157 4.77 1.08 -18.88
C GLN B 157 6.06 1.03 -18.07
N VAL B 158 6.90 0.04 -18.39
CA VAL B 158 8.22 -0.09 -17.80
C VAL B 158 9.21 -0.31 -18.94
N TRP B 159 10.25 0.53 -18.98
CA TRP B 159 11.24 0.49 -20.04
C TRP B 159 12.60 0.03 -19.50
N ASP B 160 13.50 -0.25 -20.43
CA ASP B 160 14.90 -0.59 -20.11
C ASP B 160 15.72 0.68 -20.29
N ALA B 161 16.04 1.34 -19.18
CA ALA B 161 16.78 2.59 -19.22
C ALA B 161 17.62 2.72 -17.96
N PHE B 162 18.76 3.40 -18.11
CA PHE B 162 19.68 3.67 -17.00
C PHE B 162 20.16 2.38 -16.34
N GLY B 163 20.33 1.32 -17.14
CA GLY B 163 20.82 0.06 -16.61
C GLY B 163 19.83 -0.69 -15.75
N GLY B 164 18.54 -0.41 -15.88
CA GLY B 164 17.54 -1.09 -15.08
C GLY B 164 16.16 -0.97 -15.67
N ARG B 165 15.17 -1.18 -14.81
CA ARG B 165 13.76 -1.12 -15.19
C ARG B 165 13.14 0.14 -14.57
N VAL B 166 12.67 1.04 -15.43
CA VAL B 166 12.18 2.35 -15.01
C VAL B 166 10.74 2.51 -15.48
N GLY B 167 9.86 2.92 -14.56
CA GLY B 167 8.49 3.26 -14.89
C GLY B 167 8.18 4.68 -14.43
N MET B 168 7.01 5.16 -14.84
CA MET B 168 6.60 6.53 -14.54
C MET B 168 5.14 6.56 -14.15
N ALA B 169 4.80 7.47 -13.23
CA ALA B 169 3.44 7.76 -12.83
C ALA B 169 3.31 9.26 -12.61
N ILE B 170 2.06 9.73 -12.57
CA ILE B 170 1.78 11.16 -12.51
C ILE B 170 0.84 11.44 -11.35
N CYS B 171 1.34 12.19 -10.35
CA CYS B 171 0.53 12.79 -9.29
C CYS B 171 -0.32 11.77 -8.53
N ASN B 172 -1.64 11.97 -8.51
CA ASN B 172 -2.55 11.12 -7.76
C ASN B 172 -2.57 9.67 -8.23
N ASP B 173 -1.76 9.28 -9.21
CA ASP B 173 -1.58 7.85 -9.46
C ASP B 173 -0.94 7.18 -8.26
N ARG B 174 -0.17 7.93 -7.48
CA ARG B 174 0.61 7.37 -6.38
C ARG B 174 -0.24 6.96 -5.19
N ARG B 175 -1.51 7.37 -5.12
CA ARG B 175 -2.38 6.96 -4.03
C ARG B 175 -3.13 5.67 -4.32
N TRP B 176 -2.98 5.11 -5.51
CA TRP B 176 -3.62 3.85 -5.88
C TRP B 176 -2.60 2.72 -5.84
N VAL B 177 -2.94 1.63 -5.15
CA VAL B 177 -2.03 0.50 -5.04
C VAL B 177 -1.84 -0.19 -6.39
N GLU B 178 -2.79 -0.02 -7.32
CA GLU B 178 -2.67 -0.65 -8.62
C GLU B 178 -1.54 -0.02 -9.45
N THR B 179 -1.24 1.25 -9.20
CA THR B 179 -0.19 1.93 -9.96
C THR B 179 1.16 1.26 -9.73
N TYR B 180 1.50 0.98 -8.47
CA TYR B 180 2.78 0.34 -8.18
C TYR B 180 2.78 -1.13 -8.57
N ARG B 181 1.65 -1.82 -8.38
CA ARG B 181 1.62 -3.26 -8.59
C ARG B 181 1.68 -3.61 -10.07
N VAL B 182 1.01 -2.84 -10.92
CA VAL B 182 1.03 -3.12 -12.36
C VAL B 182 2.45 -3.02 -12.89
N MET B 183 3.19 -2.00 -12.48
CA MET B 183 4.60 -1.90 -12.89
C MET B 183 5.46 -2.89 -12.14
N GLY B 184 5.12 -3.21 -10.88
CA GLY B 184 5.84 -4.23 -10.16
C GLY B 184 5.76 -5.59 -10.82
N LEU B 185 4.64 -5.88 -11.47
CA LEU B 185 4.50 -7.10 -12.27
C LEU B 185 5.31 -7.06 -13.55
N GLN B 186 5.96 -5.92 -13.85
CA GLN B 186 6.89 -5.82 -14.95
C GLN B 186 8.33 -5.72 -14.47
N ASN B 187 8.59 -6.15 -13.23
CA ASN B 187 9.92 -6.15 -12.64
C ASN B 187 10.52 -4.74 -12.58
N VAL B 188 9.68 -3.77 -12.22
CA VAL B 188 10.13 -2.39 -12.16
C VAL B 188 11.10 -2.21 -11.00
N GLU B 189 12.08 -1.32 -11.18
CA GLU B 189 13.07 -1.03 -10.16
C GLU B 189 13.19 0.45 -9.83
N LEU B 190 12.52 1.32 -10.56
CA LEU B 190 12.59 2.76 -10.32
C LEU B 190 11.34 3.41 -10.89
N ILE B 191 10.51 3.99 -10.03
CA ILE B 191 9.29 4.67 -10.44
C ILE B 191 9.48 6.17 -10.24
N LEU B 192 9.22 6.94 -11.28
CA LEU B 192 9.36 8.39 -11.26
C LEU B 192 7.97 9.02 -11.22
N ILE B 193 7.72 9.83 -10.19
CA ILE B 193 6.42 10.44 -9.96
C ILE B 193 6.61 11.92 -9.66
N GLY B 194 6.11 12.77 -10.54
CA GLY B 194 5.97 14.19 -10.27
C GLY B 194 4.51 14.51 -9.99
N TYR B 195 4.28 15.39 -9.02
CA TYR B 195 2.92 15.63 -8.55
C TYR B 195 2.70 17.11 -8.24
N ASN B 196 1.45 17.53 -8.43
CA ASN B 196 0.96 18.86 -8.02
C ASN B 196 -0.26 18.62 -7.16
N THR B 197 -0.11 18.76 -5.85
CA THR B 197 -1.21 18.52 -4.90
C THR B 197 -1.49 19.77 -4.09
N PRO B 198 -2.64 20.42 -4.25
CA PRO B 198 -2.94 21.62 -3.47
C PRO B 198 -3.11 21.29 -1.99
N VAL B 199 -2.89 22.32 -1.17
CA VAL B 199 -3.01 22.21 0.28
C VAL B 199 -4.14 23.12 0.74
N ASN B 200 -5.14 22.53 1.38
CA ASN B 200 -6.25 23.28 1.95
C ASN B 200 -5.90 23.71 3.37
N ASP B 201 -6.02 25.00 3.64
CA ASP B 201 -5.72 25.53 4.96
C ASP B 201 -6.75 25.08 5.99
N SER B 207 -5.76 18.52 8.17
CA SER B 207 -4.65 19.41 8.48
C SER B 207 -3.54 19.27 7.45
N GLU B 208 -2.50 20.11 7.58
CA GLU B 208 -1.36 20.04 6.67
C GLU B 208 -0.43 18.89 7.00
N THR B 209 -0.30 18.54 8.28
CA THR B 209 0.57 17.44 8.67
C THR B 209 0.03 16.10 8.16
N LEU B 210 -1.30 15.96 8.08
CA LEU B 210 -1.89 14.71 7.60
C LEU B 210 -1.76 14.57 6.09
N GLY B 211 -1.81 15.68 5.35
CA GLY B 211 -1.63 15.60 3.91
C GLY B 211 -0.22 15.16 3.52
N MET B 212 0.79 15.68 4.22
CA MET B 212 2.16 15.22 3.99
C MET B 212 2.33 13.78 4.44
N PHE B 213 1.62 13.37 5.49
CA PHE B 213 1.69 11.98 5.94
C PHE B 213 1.13 11.03 4.88
N HIS B 214 0.00 11.39 4.28
CA HIS B 214 -0.57 10.54 3.23
C HIS B 214 0.27 10.58 1.96
N ASN B 215 0.99 11.69 1.72
CA ASN B 215 1.82 11.78 0.53
C ASN B 215 2.98 10.79 0.59
N HIS B 216 3.59 10.63 1.77
CA HIS B 216 4.70 9.72 1.95
C HIS B 216 4.25 8.29 2.22
N LEU B 217 3.13 8.11 2.93
CA LEU B 217 2.66 6.77 3.25
C LEU B 217 2.38 5.96 2.00
N THR B 218 1.79 6.59 0.98
CA THR B 218 1.47 5.86 -0.25
C THR B 218 2.74 5.50 -1.03
N MET B 219 3.75 6.38 -0.99
CA MET B 219 4.98 6.13 -1.72
C MET B 219 5.88 5.15 -0.99
N GLN B 220 5.98 5.28 0.34
CA GLN B 220 6.79 4.34 1.11
C GLN B 220 6.23 2.92 1.04
N ALA B 221 4.90 2.79 0.90
CA ALA B 221 4.30 1.47 0.80
C ALA B 221 4.48 0.89 -0.60
N GLY B 222 4.23 1.71 -1.63
CA GLY B 222 4.43 1.23 -2.99
C GLY B 222 5.86 0.85 -3.29
N ALA B 223 6.82 1.50 -2.62
CA ALA B 223 8.22 1.14 -2.81
C ALA B 223 8.54 -0.18 -2.13
N TYR B 224 8.08 -0.35 -0.88
CA TYR B 224 8.40 -1.56 -0.13
C TYR B 224 7.63 -2.76 -0.68
N GLN B 225 6.31 -2.61 -0.86
CA GLN B 225 5.47 -3.72 -1.27
C GLN B 225 5.72 -4.17 -2.71
N ASN B 226 6.55 -3.45 -3.46
CA ASN B 226 6.97 -3.86 -4.79
C ASN B 226 8.47 -3.94 -4.94
N SER B 227 9.24 -3.65 -3.89
CA SER B 227 10.69 -3.73 -3.89
C SER B 227 11.28 -2.90 -5.03
N THR B 228 10.96 -1.60 -5.02
CA THR B 228 11.38 -0.69 -6.08
C THR B 228 11.71 0.66 -5.48
N TRP B 229 12.54 1.41 -6.20
CA TRP B 229 12.81 2.80 -5.84
C TRP B 229 11.67 3.68 -6.32
N VAL B 230 11.34 4.69 -5.52
CA VAL B 230 10.29 5.65 -5.84
C VAL B 230 10.84 7.05 -5.60
N VAL B 231 10.84 7.86 -6.66
CA VAL B 231 11.28 9.24 -6.59
C VAL B 231 10.05 10.14 -6.74
N GLY B 232 9.74 10.89 -5.69
CA GLY B 232 8.62 11.81 -5.74
C GLY B 232 9.05 13.25 -5.71
N VAL B 233 8.81 13.97 -6.81
CA VAL B 233 9.18 15.37 -6.91
C VAL B 233 7.92 16.21 -7.02
N ALA B 234 7.97 17.41 -6.44
CA ALA B 234 6.80 18.27 -6.34
C ALA B 234 7.11 19.64 -6.91
N LYS B 235 6.04 20.34 -7.27
CA LYS B 235 6.07 21.77 -7.57
C LYS B 235 5.30 22.43 -6.43
N ALA B 236 6.03 23.04 -5.49
CA ALA B 236 5.47 23.56 -4.26
C ALA B 236 5.42 25.09 -4.29
N GLY B 237 5.08 25.67 -3.14
CA GLY B 237 4.99 27.11 -3.01
C GLY B 237 3.57 27.63 -3.20
N VAL B 238 3.41 28.92 -2.95
CA VAL B 238 2.13 29.59 -3.10
C VAL B 238 2.01 30.03 -4.56
N GLU B 239 1.08 29.42 -5.30
CA GLU B 239 0.93 29.64 -6.73
C GLU B 239 -0.35 30.43 -6.95
N ASP B 240 -0.20 31.75 -7.09
CA ASP B 240 -1.34 32.67 -7.29
C ASP B 240 -2.36 32.52 -6.15
N GLY B 241 -1.86 32.57 -4.92
CA GLY B 241 -2.71 32.42 -3.75
C GLY B 241 -3.11 31.01 -3.42
N HIS B 242 -2.55 30.01 -4.10
CA HIS B 242 -2.89 28.61 -3.88
C HIS B 242 -1.61 27.87 -3.50
N ARG B 243 -1.55 27.38 -2.26
CA ARG B 243 -0.36 26.72 -1.76
C ARG B 243 -0.31 25.28 -2.25
N LEU B 244 0.83 24.88 -2.77
CA LEU B 244 1.05 23.52 -3.26
C LEU B 244 1.97 22.77 -2.31
N MET B 245 1.71 21.46 -2.19
CA MET B 245 2.45 20.64 -1.25
C MET B 245 3.88 20.41 -1.73
N GLY B 246 4.81 20.39 -0.78
CA GLY B 246 6.18 20.05 -1.07
C GLY B 246 6.51 18.63 -0.66
N GLY B 247 7.53 18.48 0.17
CA GLY B 247 7.91 17.16 0.65
C GLY B 247 8.39 16.20 -0.41
N SER B 248 9.20 16.67 -1.36
CA SER B 248 9.77 15.78 -2.36
C SER B 248 10.71 14.78 -1.69
N VAL B 249 10.58 13.50 -2.06
CA VAL B 249 11.29 12.42 -1.40
C VAL B 249 11.86 11.45 -2.42
N ILE B 250 12.88 10.72 -2.01
CA ILE B 250 13.41 9.57 -2.74
C ILE B 250 13.35 8.38 -1.78
N VAL B 251 12.67 7.32 -2.19
CA VAL B 251 12.36 6.19 -1.32
C VAL B 251 13.09 4.96 -1.81
N ALA B 252 13.70 4.24 -0.87
CA ALA B 252 14.40 3.00 -1.14
C ALA B 252 13.41 1.84 -1.26
N PRO B 253 13.83 0.72 -1.87
CA PRO B 253 12.94 -0.45 -1.93
C PRO B 253 12.52 -0.99 -0.57
N THR B 254 13.16 -0.56 0.52
CA THR B 254 12.73 -0.91 1.86
C THR B 254 11.63 -0.02 2.39
N GLY B 255 11.19 0.96 1.61
CA GLY B 255 10.22 1.94 2.07
C GLY B 255 10.80 3.08 2.86
N GLU B 256 12.13 3.14 3.02
CA GLU B 256 12.77 4.19 3.79
C GLU B 256 13.00 5.42 2.92
N ILE B 257 12.85 6.59 3.52
CA ILE B 257 13.11 7.85 2.85
C ILE B 257 14.60 8.17 3.01
N VAL B 258 15.33 8.19 1.90
CA VAL B 258 16.77 8.49 1.94
C VAL B 258 17.07 9.94 1.58
N ALA B 259 16.11 10.67 1.04
CA ALA B 259 16.28 12.08 0.72
C ALA B 259 14.93 12.76 0.80
N GLN B 260 14.91 13.99 1.32
CA GLN B 260 13.66 14.72 1.49
C GLN B 260 13.91 16.21 1.38
N ALA B 261 13.06 16.89 0.64
CA ALA B 261 13.18 18.33 0.46
C ALA B 261 12.78 19.07 1.74
N MET B 262 13.47 20.19 1.99
CA MET B 262 13.24 20.99 3.17
C MET B 262 12.51 22.29 2.90
N THR B 263 12.36 22.68 1.63
CA THR B 263 11.73 23.94 1.26
C THR B 263 10.52 23.68 0.38
N GLU B 264 9.84 24.76 0.01
CA GLU B 264 8.73 24.73 -0.95
C GLU B 264 9.09 25.49 -2.22
N GLY B 265 10.37 25.52 -2.58
CA GLY B 265 10.81 26.19 -3.78
C GLY B 265 11.73 25.34 -4.62
N ASP B 266 12.48 25.96 -5.53
CA ASP B 266 13.43 25.24 -6.36
C ASP B 266 14.49 24.59 -5.50
N GLU B 267 14.42 23.26 -5.34
CA GLU B 267 15.31 22.52 -4.48
C GLU B 267 15.63 21.18 -5.11
N LEU B 268 16.85 20.69 -4.86
CA LEU B 268 17.34 19.45 -5.42
C LEU B 268 17.71 18.49 -4.30
N ILE B 269 17.12 17.29 -4.32
CA ILE B 269 17.47 16.23 -3.39
C ILE B 269 18.21 15.15 -4.18
N VAL B 270 19.26 14.60 -3.57
CA VAL B 270 20.16 13.66 -4.24
C VAL B 270 20.28 12.40 -3.40
N ALA B 271 20.33 11.25 -4.07
CA ALA B 271 20.50 9.97 -3.40
C ALA B 271 21.15 8.99 -4.34
N ASP B 272 22.08 8.19 -3.81
CA ASP B 272 22.73 7.12 -4.58
C ASP B 272 21.85 5.88 -4.47
N CYS B 273 21.27 5.47 -5.60
CA CYS B 273 20.28 4.40 -5.62
C CYS B 273 20.89 3.16 -6.28
N ASP B 274 21.18 2.14 -5.48
CA ASP B 274 21.66 0.87 -5.99
C ASP B 274 20.46 0.03 -6.41
N LEU B 275 20.30 -0.17 -7.72
CA LEU B 275 19.17 -0.93 -8.23
C LEU B 275 19.22 -2.40 -7.81
N ASP B 276 20.40 -2.92 -7.48
CA ASP B 276 20.49 -4.31 -7.04
C ASP B 276 19.88 -4.51 -5.66
N ARG B 277 19.63 -3.45 -4.90
CA ARG B 277 18.94 -3.59 -3.63
C ARG B 277 17.51 -4.07 -3.80
N CYS B 278 16.93 -3.91 -5.00
CA CYS B 278 15.61 -4.45 -5.27
C CYS B 278 15.60 -5.97 -5.26
N ARG B 279 16.73 -6.59 -5.61
CA ARG B 279 16.80 -8.04 -5.69
C ARG B 279 16.69 -8.71 -4.33
N TYR B 280 16.97 -7.98 -3.24
CA TYR B 280 16.92 -8.57 -1.91
C TYR B 280 15.54 -9.15 -1.61
N TYR B 281 14.49 -8.37 -1.87
CA TYR B 281 13.14 -8.78 -1.52
C TYR B 281 12.42 -9.52 -2.65
N LYS B 282 12.81 -9.30 -3.90
CA LYS B 282 12.16 -10.00 -5.00
C LYS B 282 12.52 -11.48 -5.06
N SER B 283 13.53 -11.92 -4.31
CA SER B 283 13.90 -13.33 -4.34
C SER B 283 13.04 -14.17 -3.41
N HIS B 284 12.54 -13.59 -2.31
CA HIS B 284 11.75 -14.35 -1.37
C HIS B 284 10.51 -13.59 -0.87
N ILE B 285 10.73 -12.47 -0.18
CA ILE B 285 9.64 -11.78 0.52
C ILE B 285 8.54 -11.40 -0.47
N PHE B 286 8.90 -10.71 -1.55
CA PHE B 286 7.95 -10.29 -2.56
C PHE B 286 8.19 -10.99 -3.89
N ASN B 287 8.43 -12.31 -3.85
CA ASN B 287 8.56 -13.12 -5.05
C ASN B 287 7.16 -13.34 -5.60
N PHE B 288 6.82 -12.59 -6.67
CA PHE B 288 5.46 -12.64 -7.20
C PHE B 288 5.13 -14.01 -7.76
N ALA B 289 6.09 -14.67 -8.39
CA ALA B 289 5.83 -15.97 -9.00
C ALA B 289 5.54 -17.04 -7.96
N ALA B 290 6.02 -16.87 -6.73
CA ALA B 290 5.89 -17.91 -5.71
C ALA B 290 4.62 -17.75 -4.89
N HIS B 291 4.33 -16.55 -4.41
CA HIS B 291 3.29 -16.34 -3.41
C HIS B 291 1.97 -15.81 -3.98
N ARG B 292 2.01 -14.99 -5.02
CA ARG B 292 0.78 -14.36 -5.51
C ARG B 292 -0.21 -15.40 -6.01
N ARG B 293 -1.48 -15.25 -5.57
CA ARG B 293 -2.57 -16.13 -5.96
C ARG B 293 -3.59 -15.31 -6.74
N PRO B 294 -3.38 -15.15 -8.05
CA PRO B 294 -4.28 -14.27 -8.83
C PRO B 294 -5.71 -14.77 -8.93
N GLU B 295 -5.99 -16.03 -8.57
CA GLU B 295 -7.36 -16.53 -8.65
C GLU B 295 -8.26 -15.93 -7.57
N PHE B 296 -7.69 -15.23 -6.58
CA PHE B 296 -8.48 -14.56 -5.55
C PHE B 296 -8.49 -13.05 -5.72
N TYR B 297 -7.85 -12.52 -6.76
CA TYR B 297 -7.79 -11.08 -6.98
C TYR B 297 -8.75 -10.61 -8.07
N GLN B 298 -9.70 -11.46 -8.48
CA GLN B 298 -10.51 -11.18 -9.66
C GLN B 298 -11.37 -9.93 -9.51
N ARG B 299 -11.70 -9.52 -8.29
CA ARG B 299 -12.50 -8.31 -8.12
C ARG B 299 -11.74 -7.07 -8.57
N ILE B 300 -10.41 -7.12 -8.55
CA ILE B 300 -9.62 -5.93 -8.87
C ILE B 300 -9.83 -5.52 -10.32
N THR B 301 -10.02 -6.49 -11.22
CA THR B 301 -10.21 -6.21 -12.63
C THR B 301 -11.64 -6.35 -13.10
N SER B 302 -12.51 -6.98 -12.32
CA SER B 302 -13.90 -7.18 -12.72
CA SER B 302 -13.90 -7.17 -12.73
C SER B 302 -14.80 -6.02 -12.32
N GLN B 303 -14.47 -5.33 -11.24
CA GLN B 303 -15.29 -4.25 -10.71
C GLN B 303 -14.58 -2.91 -10.84
N THR B 304 -15.37 -1.84 -10.72
CA THR B 304 -14.86 -0.49 -10.57
C THR B 304 -15.19 0.09 -9.20
N GLY B 305 -16.44 -0.07 -8.75
CA GLY B 305 -16.84 0.41 -7.44
C GLY B 305 -16.87 -0.68 -6.39
N VAL B 306 -17.96 -0.77 -5.63
CA VAL B 306 -18.07 -1.74 -4.55
C VAL B 306 -19.33 -2.58 -4.74
N GLU B 307 -19.28 -3.81 -4.25
CA GLU B 307 -20.43 -4.72 -4.33
C GLU B 307 -20.36 -5.75 -3.21
C1 PEG C . -13.62 8.44 23.93
O1 PEG C . -12.27 7.96 23.98
C2 PEG C . -14.55 7.26 23.65
O2 PEG C . -15.85 7.53 24.15
C3 PEG C . -16.71 6.41 24.00
C4 PEG C . -18.13 6.78 24.41
O4 PEG C . -19.06 6.02 23.63
C1 PEG D . 0.78 32.28 -19.95
O1 PEG D . 2.01 32.94 -20.28
C2 PEG D . 0.10 31.79 -21.23
O2 PEG D . -1.24 31.40 -20.94
C3 PEG D . -1.94 30.99 -22.10
C4 PEG D . -3.42 30.81 -21.78
O4 PEG D . -4.01 32.07 -21.46
#